data_5IFZ
#
_entry.id   5IFZ
#
_cell.length_a   51.570
_cell.length_b   51.570
_cell.length_c   177.290
_cell.angle_alpha   90.000
_cell.angle_beta   90.000
_cell.angle_gamma   90.000
#
_symmetry.space_group_name_H-M   'P 43 21 2'
#
loop_
_entity.id
_entity.type
_entity.pdbx_description
1 polymer 'Ribose 5-phosphate isomerase'
2 water water
#
_entity_poly.entity_id   1
_entity_poly.type   'polypeptide(L)'
_entity_poly.pdbx_seq_one_letter_code
;MAHHHHHHMRHQGSSELRSKIMKVAVAGDSAGEGLAKVLADHLKDRFEVSEISRTDAGADAFYANLSDRVASAVLDGTYD
RAILVCGTGIGVCIAANKVPGIRAALTHDTYSAERAALSNNAQIITMGARVIGAEVAKTIADAFLAQTFDENGRSAGNVN
AINEVDAKYNKC
;
_entity_poly.pdbx_strand_id   A,B
#
# COMPACT_ATOMS: atom_id res chain seq x y z
N MET A 22 -11.96 20.04 9.70
CA MET A 22 -11.70 19.25 8.50
C MET A 22 -12.49 17.94 8.51
N LYS A 23 -12.93 17.52 7.32
CA LYS A 23 -13.88 16.42 7.17
C LYS A 23 -13.14 15.13 6.81
N VAL A 24 -13.29 14.12 7.65
CA VAL A 24 -12.57 12.87 7.48
C VAL A 24 -13.58 11.73 7.48
N ALA A 25 -13.60 10.96 6.38
CA ALA A 25 -14.40 9.74 6.32
C ALA A 25 -13.57 8.58 6.85
N VAL A 26 -14.20 7.73 7.65
CA VAL A 26 -13.58 6.51 8.14
C VAL A 26 -14.51 5.36 7.79
N ALA A 27 -13.97 4.33 7.11
CA ALA A 27 -14.83 3.28 6.59
C ALA A 27 -14.09 1.95 6.61
N GLY A 28 -14.81 0.89 6.93
CA GLY A 28 -14.25 -0.43 6.92
C GLY A 28 -15.19 -1.41 6.24
N ASP A 29 -14.60 -2.47 5.68
CA ASP A 29 -15.39 -3.58 5.20
C ASP A 29 -15.73 -4.47 6.40
N SER A 30 -16.27 -5.66 6.12
CA SER A 30 -16.66 -6.55 7.21
CA SER A 30 -16.66 -6.57 7.21
C SER A 30 -15.49 -6.86 8.14
N ALA A 31 -14.29 -7.04 7.57
CA ALA A 31 -13.12 -7.32 8.40
C ALA A 31 -12.60 -6.08 9.11
N GLY A 32 -12.77 -4.91 8.52
CA GLY A 32 -12.21 -3.70 9.09
C GLY A 32 -13.16 -2.83 9.88
N GLU A 33 -14.44 -3.19 9.94
CA GLU A 33 -15.46 -2.34 10.53
C GLU A 33 -15.18 -2.06 12.00
N GLY A 34 -14.75 -3.06 12.75
CA GLY A 34 -14.47 -2.86 14.17
C GLY A 34 -13.38 -1.83 14.39
N LEU A 35 -12.28 -1.94 13.66
CA LEU A 35 -11.20 -0.97 13.80
C LEU A 35 -11.60 0.39 13.27
N ALA A 36 -12.41 0.42 12.21
CA ALA A 36 -12.89 1.71 11.73
C ALA A 36 -13.66 2.46 12.81
N LYS A 37 -14.52 1.76 13.56
CA LYS A 37 -15.26 2.41 14.63
C LYS A 37 -14.33 2.94 15.70
N VAL A 38 -13.29 2.17 16.05
CA VAL A 38 -12.33 2.63 17.05
C VAL A 38 -11.65 3.91 16.57
N LEU A 39 -11.23 3.93 15.31
CA LEU A 39 -10.57 5.12 14.77
C LEU A 39 -11.53 6.31 14.71
N ALA A 40 -12.78 6.07 14.30
CA ALA A 40 -13.73 7.18 14.23
C ALA A 40 -13.99 7.77 15.61
N ASP A 41 -14.12 6.93 16.62
CA ASP A 41 -14.31 7.43 17.98
C ASP A 41 -13.08 8.19 18.46
N HIS A 42 -11.89 7.76 18.05
CA HIS A 42 -10.65 8.42 18.46
C HIS A 42 -10.53 9.80 17.85
N LEU A 43 -11.04 9.98 16.62
CA LEU A 43 -10.84 11.20 15.86
C LEU A 43 -11.98 12.19 15.96
N LYS A 44 -13.17 11.76 16.39
CA LYS A 44 -14.34 12.58 16.14
C LYS A 44 -14.39 13.87 16.95
N ASP A 45 -13.51 14.07 17.94
CA ASP A 45 -13.48 15.33 18.67
C ASP A 45 -12.54 16.35 18.07
N ARG A 46 -11.63 15.93 17.18
CA ARG A 46 -10.65 16.81 16.56
C ARG A 46 -10.91 17.03 15.07
N PHE A 47 -11.78 16.23 14.46
CA PHE A 47 -12.10 16.32 13.05
C PHE A 47 -13.59 16.08 12.89
N GLU A 48 -14.15 16.57 11.78
CA GLU A 48 -15.54 16.28 11.45
C GLU A 48 -15.57 14.90 10.81
N VAL A 49 -15.89 13.89 11.60
CA VAL A 49 -15.75 12.49 11.20
C VAL A 49 -17.09 11.96 10.71
N SER A 50 -17.05 11.26 9.58
CA SER A 50 -18.18 10.48 9.07
C SER A 50 -17.74 9.01 9.03
N GLU A 51 -18.36 8.19 9.88
CA GLU A 51 -18.12 6.75 9.86
C GLU A 51 -19.11 6.10 8.92
N ILE A 52 -18.60 5.46 7.87
CA ILE A 52 -19.46 4.85 6.85
C ILE A 52 -19.56 3.34 7.09
N SER A 53 -18.58 2.59 6.60
CA SER A 53 -18.58 1.14 6.65
C SER A 53 -19.89 0.53 6.17
N ASN A 65 -16.21 -1.67 -4.03
CA ASN A 65 -17.38 -0.81 -3.95
C ASN A 65 -17.21 0.27 -2.89
N LEU A 66 -16.83 -0.14 -1.68
CA LEU A 66 -16.62 0.82 -0.60
C LEU A 66 -15.51 1.81 -0.94
N SER A 67 -14.37 1.27 -1.41
CA SER A 67 -13.24 2.13 -1.76
CA SER A 67 -13.25 2.12 -1.77
C SER A 67 -13.64 3.15 -2.81
N ASP A 68 -14.33 2.70 -3.88
CA ASP A 68 -14.70 3.60 -4.97
C ASP A 68 -15.66 4.69 -4.48
N ARG A 69 -16.67 4.31 -3.70
CA ARG A 69 -17.64 5.30 -3.23
C ARG A 69 -16.98 6.35 -2.34
N VAL A 70 -16.14 5.91 -1.40
CA VAL A 70 -15.48 6.85 -0.50
C VAL A 70 -14.46 7.69 -1.26
N ALA A 71 -13.69 7.07 -2.16
CA ALA A 71 -12.71 7.81 -2.95
C ALA A 71 -13.40 8.87 -3.79
N SER A 72 -14.55 8.54 -4.37
CA SER A 72 -15.27 9.52 -5.17
C SER A 72 -15.76 10.68 -4.32
N ALA A 73 -16.18 10.38 -3.08
CA ALA A 73 -16.65 11.43 -2.17
C ALA A 73 -15.50 12.31 -1.69
N VAL A 74 -14.30 11.76 -1.58
CA VAL A 74 -13.14 12.60 -1.32
C VAL A 74 -12.86 13.48 -2.53
N LEU A 75 -12.90 12.88 -3.72
CA LEU A 75 -12.58 13.61 -4.94
C LEU A 75 -13.52 14.80 -5.14
N ASP A 76 -14.80 14.63 -4.85
CA ASP A 76 -15.77 15.70 -5.11
C ASP A 76 -15.87 16.70 -3.98
N GLY A 77 -15.05 16.57 -2.93
CA GLY A 77 -15.03 17.52 -1.84
C GLY A 77 -15.94 17.22 -0.68
N THR A 78 -16.70 16.12 -0.73
CA THR A 78 -17.56 15.76 0.40
C THR A 78 -16.74 15.51 1.66
N TYR A 79 -15.61 14.84 1.52
CA TYR A 79 -14.67 14.67 2.61
C TYR A 79 -13.34 15.24 2.16
N ASP A 80 -12.56 15.73 3.13
CA ASP A 80 -11.22 16.19 2.80
C ASP A 80 -10.25 15.03 2.70
N ARG A 81 -10.38 14.06 3.60
CA ARG A 81 -9.54 12.86 3.62
C ARG A 81 -10.39 11.66 4.00
N ALA A 82 -9.80 10.47 3.82
CA ALA A 82 -10.46 9.23 4.23
C ALA A 82 -9.44 8.25 4.76
N ILE A 83 -9.91 7.39 5.66
CA ILE A 83 -9.17 6.24 6.16
C ILE A 83 -10.02 5.02 5.85
N LEU A 84 -9.45 4.07 5.11
CA LEU A 84 -10.16 2.85 4.71
C LEU A 84 -9.51 1.66 5.41
N VAL A 85 -10.32 0.84 6.05
CA VAL A 85 -9.81 -0.31 6.80
C VAL A 85 -10.42 -1.59 6.23
N CYS A 86 -9.55 -2.55 5.89
CA CYS A 86 -10.01 -3.88 5.51
CA CYS A 86 -10.03 -3.89 5.54
C CYS A 86 -9.10 -4.89 6.23
N GLY A 87 -9.04 -6.11 5.69
CA GLY A 87 -8.24 -7.14 6.34
C GLY A 87 -6.75 -6.83 6.33
N THR A 88 -6.20 -6.51 5.15
CA THR A 88 -4.79 -6.18 5.01
C THR A 88 -4.55 -4.72 4.62
N GLY A 89 -5.55 -4.04 4.06
CA GLY A 89 -5.36 -2.73 3.47
C GLY A 89 -4.98 -2.74 2.01
N ILE A 90 -4.64 -3.91 1.45
CA ILE A 90 -4.13 -3.96 0.08
C ILE A 90 -5.24 -3.70 -0.92
N GLY A 91 -6.38 -4.39 -0.78
CA GLY A 91 -7.42 -4.28 -1.79
C GLY A 91 -8.02 -2.90 -1.89
N VAL A 92 -8.26 -2.26 -0.74
CA VAL A 92 -8.82 -0.90 -0.79
C VAL A 92 -7.79 0.08 -1.32
N CYS A 93 -6.51 -0.18 -1.10
CA CYS A 93 -5.47 0.67 -1.66
C CYS A 93 -5.43 0.55 -3.19
N ILE A 94 -5.47 -0.68 -3.70
CA ILE A 94 -5.51 -0.89 -5.15
C ILE A 94 -6.72 -0.18 -5.76
N ALA A 95 -7.90 -0.41 -5.18
CA ALA A 95 -9.12 0.13 -5.76
C ALA A 95 -9.12 1.65 -5.73
N ALA A 96 -8.68 2.24 -4.61
CA ALA A 96 -8.73 3.70 -4.51
C ALA A 96 -7.77 4.36 -5.48
N ASN A 97 -6.58 3.78 -5.68
CA ASN A 97 -5.64 4.37 -6.63
C ASN A 97 -6.12 4.24 -8.07
N LYS A 98 -7.06 3.36 -8.35
CA LYS A 98 -7.61 3.27 -9.69
C LYS A 98 -8.74 4.25 -9.93
N VAL A 99 -9.03 5.13 -8.98
CA VAL A 99 -9.91 6.27 -9.19
C VAL A 99 -9.04 7.43 -9.65
N PRO A 100 -9.24 7.96 -10.86
CA PRO A 100 -8.38 9.04 -11.35
C PRO A 100 -8.44 10.24 -10.41
N GLY A 101 -7.27 10.71 -10.01
CA GLY A 101 -7.15 11.86 -9.15
C GLY A 101 -7.00 11.54 -7.68
N ILE A 102 -7.12 10.26 -7.30
CA ILE A 102 -7.01 9.83 -5.92
C ILE A 102 -5.66 9.17 -5.72
N ARG A 103 -4.97 9.54 -4.62
CA ARG A 103 -3.75 8.86 -4.20
C ARG A 103 -4.01 8.22 -2.84
N ALA A 104 -3.81 6.90 -2.78
CA ALA A 104 -4.06 6.14 -1.56
C ALA A 104 -2.79 5.41 -1.11
N ALA A 105 -2.53 5.47 0.19
CA ALA A 105 -1.32 4.90 0.77
C ALA A 105 -1.70 3.91 1.85
N LEU A 106 -1.17 2.69 1.75
CA LEU A 106 -1.29 1.73 2.83
C LEU A 106 -0.23 2.08 3.87
N THR A 107 -0.66 2.44 5.08
CA THR A 107 0.25 2.99 6.09
C THR A 107 0.20 2.14 7.35
N HIS A 108 1.27 1.38 7.61
CA HIS A 108 1.31 0.52 8.80
C HIS A 108 2.38 0.94 9.79
N ASP A 109 2.86 2.18 9.70
CA ASP A 109 3.76 2.77 10.68
C ASP A 109 3.62 4.28 10.57
N THR A 110 4.02 4.97 11.65
CA THR A 110 3.82 6.41 11.71
C THR A 110 4.73 7.16 10.74
N TYR A 111 5.94 6.65 10.46
CA TYR A 111 6.80 7.29 9.48
C TYR A 111 6.14 7.29 8.11
N SER A 112 5.66 6.12 7.67
CA SER A 112 4.99 6.03 6.37
C SER A 112 3.73 6.88 6.35
N ALA A 113 3.02 6.98 7.48
CA ALA A 113 1.82 7.81 7.53
C ALA A 113 2.16 9.26 7.25
N GLU A 114 3.25 9.77 7.87
CA GLU A 114 3.66 11.14 7.59
C GLU A 114 4.12 11.29 6.15
N ARG A 115 4.81 10.27 5.62
CA ARG A 115 5.27 10.34 4.23
C ARG A 115 4.11 10.32 3.26
N ALA A 116 3.05 9.58 3.59
CA ALA A 116 1.87 9.53 2.73
C ALA A 116 1.33 10.92 2.47
N ALA A 117 1.30 11.75 3.52
CA ALA A 117 0.88 13.14 3.39
C ALA A 117 1.96 13.98 2.73
N LEU A 118 3.19 13.92 3.25
CA LEU A 118 4.19 14.92 2.91
C LEU A 118 4.91 14.64 1.60
N SER A 119 5.01 13.37 1.21
CA SER A 119 5.69 12.99 -0.03
CA SER A 119 5.70 12.98 -0.02
C SER A 119 4.74 12.66 -1.16
N ASN A 120 3.66 11.94 -0.88
CA ASN A 120 2.74 11.50 -1.91
C ASN A 120 1.47 12.32 -1.98
N ASN A 121 1.26 13.24 -1.03
CA ASN A 121 0.03 14.02 -0.93
C ASN A 121 -1.22 13.14 -1.08
N ALA A 122 -1.21 12.02 -0.36
CA ALA A 122 -2.33 11.10 -0.41
C ALA A 122 -3.54 11.69 0.28
N GLN A 123 -4.70 11.57 -0.35
CA GLN A 123 -5.93 11.95 0.32
C GLN A 123 -6.48 10.83 1.18
N ILE A 124 -6.05 9.59 0.93
CA ILE A 124 -6.59 8.41 1.60
C ILE A 124 -5.44 7.57 2.13
N ILE A 125 -5.59 7.09 3.37
CA ILE A 125 -4.69 6.06 3.88
C ILE A 125 -5.52 4.80 4.14
N THR A 126 -4.85 3.64 4.05
CA THR A 126 -5.54 2.38 4.28
C THR A 126 -4.76 1.58 5.32
N MET A 127 -5.47 0.71 6.03
CA MET A 127 -4.89 -0.12 7.09
CA MET A 127 -4.84 -0.13 7.04
C MET A 127 -5.53 -1.48 7.07
N GLY A 128 -4.80 -2.47 7.59
CA GLY A 128 -5.31 -3.82 7.71
C GLY A 128 -5.59 -4.20 9.16
N ALA A 129 -6.87 -4.38 9.49
CA ALA A 129 -7.25 -4.72 10.86
C ALA A 129 -6.73 -6.09 11.29
N ARG A 130 -6.46 -6.98 10.36
CA ARG A 130 -5.88 -8.27 10.69
C ARG A 130 -4.36 -8.23 10.82
N VAL A 131 -3.74 -7.08 10.53
CA VAL A 131 -2.29 -6.95 10.41
C VAL A 131 -1.71 -6.12 11.55
N ILE A 132 -2.32 -4.95 11.85
CA ILE A 132 -1.82 -4.11 12.93
C ILE A 132 -2.84 -4.01 14.06
N GLY A 133 -2.34 -3.65 15.24
CA GLY A 133 -3.18 -3.50 16.42
C GLY A 133 -3.79 -2.09 16.51
N ALA A 134 -4.78 -1.97 17.38
CA ALA A 134 -5.61 -0.77 17.39
C ALA A 134 -4.86 0.46 17.90
N GLU A 135 -3.96 0.29 18.87
CA GLU A 135 -3.24 1.46 19.37
C GLU A 135 -2.24 1.99 18.36
N VAL A 136 -1.55 1.09 17.64
CA VAL A 136 -0.68 1.50 16.54
C VAL A 136 -1.51 2.18 15.45
N ALA A 137 -2.69 1.62 15.13
CA ALA A 137 -3.57 2.23 14.13
C ALA A 137 -3.95 3.66 14.49
N LYS A 138 -4.28 3.91 15.76
CA LYS A 138 -4.62 5.27 16.17
C LYS A 138 -3.45 6.23 15.95
N THR A 139 -2.22 5.79 16.28
CA THR A 139 -1.08 6.69 16.10
C THR A 139 -0.82 6.98 14.64
N ILE A 140 -1.07 5.98 13.78
CA ILE A 140 -0.90 6.14 12.33
C ILE A 140 -1.91 7.17 11.80
N ALA A 141 -3.18 7.00 12.16
CA ALA A 141 -4.20 7.99 11.78
C ALA A 141 -3.83 9.39 12.24
N ASP A 142 -3.39 9.50 13.50
CA ASP A 142 -3.04 10.81 14.04
C ASP A 142 -1.86 11.42 13.32
N ALA A 143 -0.86 10.59 12.97
CA ALA A 143 0.36 11.12 12.35
C ALA A 143 0.07 11.58 10.93
N PHE A 144 -0.78 10.84 10.20
CA PHE A 144 -1.16 11.26 8.85
C PHE A 144 -1.95 12.56 8.89
N LEU A 145 -2.94 12.64 9.77
CA LEU A 145 -3.83 13.80 9.75
C LEU A 145 -3.15 15.05 10.31
N ALA A 146 -2.13 14.90 11.16
CA ALA A 146 -1.41 16.07 11.65
C ALA A 146 -0.60 16.74 10.55
N GLN A 147 -0.13 15.97 9.57
CA GLN A 147 0.70 16.51 8.51
C GLN A 147 -0.10 16.97 7.31
N THR A 148 -1.23 16.31 7.06
CA THR A 148 -2.01 16.59 5.87
C THR A 148 -2.78 17.89 6.01
N PHE A 149 -3.04 18.34 7.24
CA PHE A 149 -3.72 19.61 7.51
C PHE A 149 -2.75 20.60 8.14
N ASP A 150 -3.19 21.86 8.19
CA ASP A 150 -2.47 22.92 8.90
C ASP A 150 -3.44 23.79 9.70
N MET B 22 10.10 -19.09 -13.34
CA MET B 22 9.34 -17.85 -13.38
C MET B 22 10.27 -16.63 -13.39
N LYS B 23 9.90 -15.61 -14.15
CA LYS B 23 10.73 -14.43 -14.38
C LYS B 23 10.28 -13.31 -13.45
N VAL B 24 11.21 -12.82 -12.63
CA VAL B 24 10.91 -11.81 -11.61
C VAL B 24 11.83 -10.62 -11.83
N ALA B 25 11.25 -9.45 -12.07
CA ALA B 25 12.00 -8.22 -12.09
C ALA B 25 12.12 -7.65 -10.69
N VAL B 26 13.31 -7.13 -10.36
CA VAL B 26 13.54 -6.47 -9.09
C VAL B 26 14.16 -5.11 -9.40
N ALA B 27 13.52 -4.03 -8.93
CA ALA B 27 13.98 -2.70 -9.27
C ALA B 27 13.86 -1.78 -8.06
N GLY B 28 14.83 -0.87 -7.94
CA GLY B 28 14.82 0.09 -6.86
C GLY B 28 15.27 1.45 -7.34
N ASP B 29 14.70 2.48 -6.72
CA ASP B 29 15.15 3.84 -6.96
C ASP B 29 16.44 4.07 -6.17
N SER B 30 16.91 5.33 -6.10
CA SER B 30 18.12 5.61 -5.35
C SER B 30 18.05 5.09 -3.92
N ALA B 31 16.92 5.30 -3.26
CA ALA B 31 16.77 4.87 -1.86
C ALA B 31 16.66 3.36 -1.74
N GLY B 32 16.10 2.69 -2.73
CA GLY B 32 15.82 1.28 -2.60
C GLY B 32 16.69 0.36 -3.43
N GLU B 33 17.66 0.94 -4.14
CA GLU B 33 18.49 0.13 -5.04
C GLU B 33 19.36 -0.85 -4.26
N GLY B 34 19.84 -0.44 -3.09
CA GLY B 34 20.68 -1.33 -2.30
C GLY B 34 19.93 -2.57 -1.82
N LEU B 35 18.71 -2.38 -1.31
CA LEU B 35 17.90 -3.54 -0.91
C LEU B 35 17.46 -4.35 -2.12
N ALA B 36 17.19 -3.68 -3.24
CA ALA B 36 16.82 -4.39 -4.46
C ALA B 36 17.90 -5.40 -4.85
N LYS B 37 19.17 -4.99 -4.75
CA LYS B 37 20.26 -5.90 -5.10
C LYS B 37 20.32 -7.08 -4.13
N VAL B 38 20.07 -6.81 -2.84
CA VAL B 38 20.03 -7.86 -1.84
C VAL B 38 18.91 -8.85 -2.17
N LEU B 39 17.73 -8.33 -2.52
CA LEU B 39 16.61 -9.22 -2.85
C LEU B 39 16.89 -10.01 -4.13
N ALA B 40 17.45 -9.33 -5.14
CA ALA B 40 17.75 -10.03 -6.40
C ALA B 40 18.69 -11.20 -6.15
N ASP B 41 19.77 -10.96 -5.41
CA ASP B 41 20.72 -12.04 -5.13
C ASP B 41 20.09 -13.15 -4.32
N HIS B 42 19.16 -12.80 -3.41
CA HIS B 42 18.51 -13.84 -2.61
C HIS B 42 17.62 -14.73 -3.44
N LEU B 43 17.00 -14.18 -4.49
CA LEU B 43 16.05 -14.91 -5.32
C LEU B 43 16.67 -15.60 -6.53
N LYS B 44 17.93 -15.27 -6.86
CA LYS B 44 18.49 -15.68 -8.16
C LYS B 44 18.55 -17.18 -8.33
N ASP B 45 18.60 -17.96 -7.26
CA ASP B 45 18.75 -19.40 -7.41
C ASP B 45 17.42 -20.12 -7.62
N ARG B 46 16.30 -19.49 -7.29
CA ARG B 46 15.00 -20.11 -7.46
C ARG B 46 14.14 -19.47 -8.54
N PHE B 47 14.51 -18.28 -9.02
CA PHE B 47 13.75 -17.57 -10.04
C PHE B 47 14.73 -16.98 -11.05
N GLU B 48 14.22 -16.68 -12.24
CA GLU B 48 15.03 -15.97 -13.24
C GLU B 48 14.86 -14.48 -12.96
N VAL B 49 15.85 -13.91 -12.25
CA VAL B 49 15.74 -12.55 -11.74
C VAL B 49 16.44 -11.60 -12.71
N SER B 50 15.81 -10.46 -12.96
CA SER B 50 16.41 -9.35 -13.66
C SER B 50 16.43 -8.15 -12.72
N GLU B 51 17.62 -7.65 -12.39
CA GLU B 51 17.76 -6.50 -11.50
C GLU B 51 17.86 -5.27 -12.37
N ILE B 52 16.77 -4.51 -12.46
CA ILE B 52 16.66 -3.48 -13.49
C ILE B 52 16.54 -2.09 -12.89
N SER B 53 17.23 -1.84 -11.79
CA SER B 53 17.33 -0.50 -11.24
C SER B 53 18.19 0.38 -12.17
N ASN B 65 8.03 6.95 -13.11
CA ASN B 65 8.54 6.43 -14.37
C ASN B 65 9.07 5.01 -14.20
N LEU B 66 9.71 4.74 -13.06
CA LEU B 66 10.19 3.39 -12.78
C LEU B 66 9.04 2.39 -12.75
N SER B 67 7.99 2.69 -11.98
CA SER B 67 6.82 1.82 -11.96
C SER B 67 6.27 1.65 -13.37
N ASP B 68 6.24 2.72 -14.16
CA ASP B 68 5.72 2.64 -15.52
C ASP B 68 6.54 1.69 -16.38
N ARG B 69 7.87 1.84 -16.35
CA ARG B 69 8.72 0.97 -17.16
C ARG B 69 8.56 -0.49 -16.77
N VAL B 70 8.54 -0.77 -15.46
CA VAL B 70 8.45 -2.14 -14.98
C VAL B 70 7.04 -2.68 -15.19
N ALA B 71 6.01 -1.87 -14.93
CA ALA B 71 4.65 -2.33 -15.15
C ALA B 71 4.41 -2.69 -16.61
N SER B 72 4.92 -1.88 -17.54
CA SER B 72 4.76 -2.17 -18.95
C SER B 72 5.45 -3.47 -19.33
N ALA B 73 6.57 -3.79 -18.67
CA ALA B 73 7.27 -5.04 -18.96
C ALA B 73 6.53 -6.24 -18.38
N VAL B 74 5.78 -6.05 -17.29
CA VAL B 74 4.95 -7.13 -16.78
C VAL B 74 3.76 -7.36 -17.71
N LEU B 75 3.16 -6.27 -18.19
CA LEU B 75 2.00 -6.40 -19.08
C LEU B 75 2.35 -7.13 -20.37
N ASP B 76 3.52 -6.84 -20.96
CA ASP B 76 3.86 -7.50 -22.21
C ASP B 76 4.63 -8.80 -22.02
N GLY B 77 4.60 -9.37 -20.82
CA GLY B 77 5.10 -10.72 -20.60
C GLY B 77 6.58 -10.85 -20.41
N THR B 78 7.34 -9.75 -20.44
CA THR B 78 8.78 -9.84 -20.21
C THR B 78 9.09 -10.40 -18.83
N TYR B 79 8.25 -10.09 -17.85
CA TYR B 79 8.37 -10.65 -16.52
C TYR B 79 7.01 -11.16 -16.06
N ASP B 80 7.04 -12.19 -15.22
CA ASP B 80 5.81 -12.69 -14.61
C ASP B 80 5.39 -11.83 -13.42
N ARG B 81 6.36 -11.41 -12.60
CA ARG B 81 6.10 -10.63 -11.41
C ARG B 81 7.22 -9.62 -11.24
N ALA B 82 7.02 -8.64 -10.38
CA ALA B 82 8.06 -7.66 -10.10
C ALA B 82 8.02 -7.27 -8.64
N ILE B 83 9.18 -6.87 -8.13
CA ILE B 83 9.32 -6.31 -6.79
C ILE B 83 9.95 -4.93 -6.96
N LEU B 84 9.25 -3.89 -6.52
CA LEU B 84 9.72 -2.52 -6.61
C LEU B 84 10.07 -2.03 -5.22
N VAL B 85 11.28 -1.50 -5.06
CA VAL B 85 11.78 -1.09 -3.74
C VAL B 85 12.11 0.40 -3.77
N CYS B 86 11.46 1.17 -2.91
CA CYS B 86 11.78 2.58 -2.77
C CYS B 86 11.94 2.88 -1.27
N GLY B 87 11.72 4.14 -0.89
CA GLY B 87 11.91 4.52 0.50
C GLY B 87 10.85 3.96 1.43
N THR B 88 9.58 4.17 1.10
CA THR B 88 8.47 3.61 1.86
C THR B 88 7.68 2.57 1.09
N GLY B 89 7.78 2.58 -0.24
CA GLY B 89 6.96 1.72 -1.06
C GLY B 89 5.64 2.33 -1.47
N ILE B 90 5.29 3.50 -0.93
CA ILE B 90 3.99 4.09 -1.21
C ILE B 90 3.93 4.63 -2.63
N GLY B 91 4.92 5.45 -3.01
CA GLY B 91 4.88 6.11 -4.31
C GLY B 91 4.85 5.12 -5.47
N VAL B 92 5.65 4.05 -5.38
CA VAL B 92 5.66 3.08 -6.47
C VAL B 92 4.37 2.29 -6.49
N CYS B 93 3.76 2.07 -5.33
CA CYS B 93 2.49 1.36 -5.29
C CYS B 93 1.40 2.18 -5.96
N ILE B 94 1.30 3.47 -5.62
CA ILE B 94 0.34 4.36 -6.26
C ILE B 94 0.55 4.34 -7.78
N ALA B 95 1.80 4.55 -8.20
CA ALA B 95 2.09 4.71 -9.62
C ALA B 95 1.81 3.43 -10.40
N ALA B 96 2.16 2.27 -9.82
CA ALA B 96 1.94 1.00 -10.51
C ALA B 96 0.45 0.72 -10.65
N ASN B 97 -0.33 1.01 -9.61
CA ASN B 97 -1.77 0.76 -9.66
C ASN B 97 -2.48 1.68 -10.66
N LYS B 98 -1.88 2.81 -11.03
CA LYS B 98 -2.44 3.69 -12.06
C LYS B 98 -2.25 3.16 -13.46
N VAL B 99 -1.44 2.10 -13.65
CA VAL B 99 -1.31 1.45 -14.95
C VAL B 99 -2.49 0.50 -15.13
N PRO B 100 -3.34 0.69 -16.13
CA PRO B 100 -4.48 -0.22 -16.31
C PRO B 100 -4.01 -1.66 -16.45
N GLY B 101 -4.61 -2.55 -15.66
CA GLY B 101 -4.28 -3.95 -15.68
C GLY B 101 -3.27 -4.38 -14.64
N ILE B 102 -2.61 -3.44 -13.97
CA ILE B 102 -1.60 -3.74 -12.96
C ILE B 102 -2.24 -3.68 -11.58
N ARG B 103 -2.01 -4.71 -10.76
CA ARG B 103 -2.39 -4.69 -9.36
C ARG B 103 -1.13 -4.79 -8.52
N ALA B 104 -0.88 -3.77 -7.71
CA ALA B 104 0.35 -3.68 -6.93
C ALA B 104 0.02 -3.58 -5.44
N ALA B 105 0.78 -4.31 -4.63
CA ALA B 105 0.54 -4.40 -3.20
C ALA B 105 1.79 -3.95 -2.45
N LEU B 106 1.66 -2.96 -1.57
CA LEU B 106 2.72 -2.68 -0.61
C LEU B 106 2.66 -3.75 0.48
N THR B 107 3.73 -4.54 0.61
CA THR B 107 3.74 -5.69 1.51
C THR B 107 4.88 -5.55 2.51
N HIS B 108 4.55 -5.29 3.78
CA HIS B 108 5.58 -5.16 4.82
C HIS B 108 5.47 -6.23 5.88
N ASP B 109 4.78 -7.34 5.58
CA ASP B 109 4.79 -8.49 6.46
C ASP B 109 4.45 -9.72 5.62
N THR B 110 4.83 -10.89 6.13
CA THR B 110 4.71 -12.10 5.31
C THR B 110 3.26 -12.55 5.15
N TYR B 111 2.40 -12.26 6.12
CA TYR B 111 0.98 -12.57 5.94
C TYR B 111 0.41 -11.75 4.78
N SER B 112 0.64 -10.43 4.81
CA SER B 112 0.17 -9.58 3.73
C SER B 112 0.77 -9.98 2.38
N ALA B 113 2.03 -10.43 2.38
CA ALA B 113 2.64 -10.87 1.13
C ALA B 113 1.88 -12.05 0.55
N GLU B 114 1.50 -13.01 1.38
CA GLU B 114 0.74 -14.15 0.87
C GLU B 114 -0.64 -13.70 0.38
N ARG B 115 -1.29 -12.80 1.11
CA ARG B 115 -2.61 -12.34 0.71
C ARG B 115 -2.55 -11.54 -0.58
N ALA B 116 -1.45 -10.82 -0.81
CA ALA B 116 -1.29 -10.08 -2.06
C ALA B 116 -1.44 -10.99 -3.27
N ALA B 117 -0.97 -12.23 -3.16
CA ALA B 117 -1.13 -13.21 -4.22
C ALA B 117 -2.50 -13.87 -4.16
N LEU B 118 -2.84 -14.45 -3.00
CA LEU B 118 -4.00 -15.33 -2.92
C LEU B 118 -5.32 -14.57 -3.00
N SER B 119 -5.34 -13.33 -2.52
CA SER B 119 -6.55 -12.53 -2.49
C SER B 119 -6.58 -11.47 -3.59
N ASN B 120 -5.50 -10.73 -3.76
CA ASN B 120 -5.48 -9.60 -4.68
C ASN B 120 -4.88 -9.94 -6.04
N ASN B 121 -4.26 -11.12 -6.18
CA ASN B 121 -3.62 -11.55 -7.43
C ASN B 121 -2.72 -10.45 -7.99
N ALA B 122 -1.92 -9.86 -7.09
CA ALA B 122 -1.00 -8.81 -7.49
C ALA B 122 0.13 -9.37 -8.34
N GLN B 123 0.47 -8.68 -9.42
CA GLN B 123 1.67 -9.02 -10.16
C GLN B 123 2.90 -8.37 -9.56
N ILE B 124 2.73 -7.29 -8.80
CA ILE B 124 3.82 -6.47 -8.30
C ILE B 124 3.63 -6.27 -6.80
N ILE B 125 4.70 -6.45 -6.03
CA ILE B 125 4.70 -6.04 -4.65
C ILE B 125 5.73 -4.93 -4.49
N THR B 126 5.50 -4.06 -3.52
CA THR B 126 6.42 -2.96 -3.26
C THR B 126 6.81 -2.97 -1.78
N MET B 127 7.99 -2.42 -1.52
CA MET B 127 8.55 -2.37 -0.18
CA MET B 127 8.51 -2.35 -0.17
C MET B 127 9.30 -1.06 0.00
N GLY B 128 9.48 -0.68 1.27
CA GLY B 128 10.22 0.50 1.61
C GLY B 128 11.52 0.20 2.31
N ALA B 129 12.63 0.48 1.62
CA ALA B 129 13.94 0.17 2.19
C ALA B 129 14.25 1.01 3.42
N ARG B 130 13.58 2.14 3.60
CA ARG B 130 13.78 2.95 4.80
C ARG B 130 12.86 2.56 5.93
N VAL B 131 11.97 1.57 5.71
CA VAL B 131 10.91 1.24 6.63
C VAL B 131 11.12 -0.15 7.24
N ILE B 132 11.45 -1.13 6.42
CA ILE B 132 11.69 -2.48 6.90
C ILE B 132 13.15 -2.86 6.67
N GLY B 133 13.59 -3.87 7.42
CA GLY B 133 14.95 -4.35 7.32
C GLY B 133 15.11 -5.46 6.29
N ALA B 134 16.36 -5.73 5.93
CA ALA B 134 16.65 -6.57 4.78
C ALA B 134 16.22 -8.02 4.99
N GLU B 135 16.36 -8.54 6.22
CA GLU B 135 16.00 -9.94 6.43
C GLU B 135 14.49 -10.13 6.40
N VAL B 136 13.74 -9.19 6.97
CA VAL B 136 12.29 -9.24 6.82
C VAL B 136 11.90 -9.10 5.36
N ALA B 137 12.56 -8.18 4.64
CA ALA B 137 12.27 -8.01 3.21
C ALA B 137 12.43 -9.30 2.42
N LYS B 138 13.48 -10.07 2.71
CA LYS B 138 13.68 -11.32 2.00
C LYS B 138 12.55 -12.31 2.29
N THR B 139 12.10 -12.39 3.56
CA THR B 139 11.02 -13.31 3.87
C THR B 139 9.73 -12.90 3.18
N ILE B 140 9.53 -11.59 2.99
CA ILE B 140 8.31 -11.12 2.33
C ILE B 140 8.34 -11.50 0.85
N ALA B 141 9.47 -11.25 0.19
CA ALA B 141 9.58 -11.64 -1.22
C ALA B 141 9.34 -13.14 -1.39
N ASP B 142 9.92 -13.94 -0.50
CA ASP B 142 9.75 -15.39 -0.60
C ASP B 142 8.30 -15.79 -0.39
N ALA B 143 7.63 -15.16 0.58
CA ALA B 143 6.25 -15.53 0.90
C ALA B 143 5.31 -15.18 -0.25
N PHE B 144 5.51 -14.03 -0.88
CA PHE B 144 4.68 -13.66 -2.03
C PHE B 144 4.92 -14.58 -3.21
N LEU B 145 6.18 -14.82 -3.56
CA LEU B 145 6.50 -15.58 -4.76
C LEU B 145 6.13 -17.05 -4.63
N ALA B 146 6.11 -17.57 -3.41
CA ALA B 146 5.71 -18.96 -3.20
C ALA B 146 4.22 -19.17 -3.43
N GLN B 147 3.40 -18.13 -3.28
CA GLN B 147 1.95 -18.26 -3.39
C GLN B 147 1.44 -17.89 -4.78
N THR B 148 2.08 -16.92 -5.43
CA THR B 148 1.61 -16.49 -6.75
C THR B 148 1.98 -17.50 -7.82
N PHE B 149 2.95 -18.38 -7.56
CA PHE B 149 3.37 -19.38 -8.52
C PHE B 149 2.98 -20.78 -8.05
#